data_8J40
#
_entry.id   8J40
#
_cell.length_a   128.548
_cell.length_b   128.548
_cell.length_c   128.548
_cell.angle_alpha   90.000
_cell.angle_beta   90.000
_cell.angle_gamma   90.000
#
_symmetry.space_group_name_H-M   'I 2 3'
#
loop_
_entity.id
_entity.type
_entity.pdbx_description
1 polymer CatB8
2 non-polymer CHLORAMPHENICOL
3 non-polymer GLYCEROL
4 non-polymer 'SULFATE ION'
5 water water
#
_entity_poly.entity_id   1
_entity_poly.type   'polypeptide(L)'
_entity_poly.pdbx_seq_one_letter_code
;MKNYFNSPFKGELLSEQVKNPNIRVGRYSYYSGYYHGHSFDECARYLLPDREDVDKLIIGSFCSIGSGASFIMAGNQGHQ
HDWASSFPFFYMQEEPAFSRALDAFQRAGDTVIGNDVWIGSEAMIMPGIKIGDGAVIGSRSLVTKDVEPYAIIGGNPAKQ
IKKRFSDEEISLLMEMEWWNWPLDKIKTAMPLLCSSNIFGLHKYWREFAVLEHHHHHH
;
_entity_poly.pdbx_strand_id   A
#
# COMPACT_ATOMS: atom_id res chain seq x y z
N LYS A 2 8.53 -5.94 -22.77
CA LYS A 2 8.88 -7.27 -22.27
C LYS A 2 8.40 -7.42 -20.83
N ASN A 3 7.74 -8.54 -20.53
CA ASN A 3 7.18 -8.74 -19.19
C ASN A 3 8.31 -8.79 -18.17
N TYR A 4 8.16 -8.02 -17.08
CA TYR A 4 9.11 -8.11 -15.98
C TYR A 4 9.06 -9.48 -15.31
N PHE A 5 7.93 -10.16 -15.37
CA PHE A 5 7.72 -11.41 -14.66
C PHE A 5 7.78 -12.63 -15.57
N ASN A 6 8.43 -13.67 -15.07
CA ASN A 6 8.47 -14.93 -15.81
C ASN A 6 7.18 -15.71 -15.70
N SER A 7 6.43 -15.53 -14.60
CA SER A 7 5.31 -16.43 -14.34
C SER A 7 4.19 -15.73 -13.60
N PRO A 8 2.93 -16.07 -13.88
CA PRO A 8 1.82 -15.60 -13.02
C PRO A 8 1.79 -16.29 -11.67
N PHE A 9 2.55 -17.36 -11.48
CA PHE A 9 2.56 -18.13 -10.24
C PHE A 9 3.67 -17.72 -9.29
N LYS A 10 4.36 -16.63 -9.58
CA LYS A 10 5.47 -16.14 -8.78
C LYS A 10 5.60 -14.64 -8.93
N GLY A 11 5.73 -13.95 -7.80
CA GLY A 11 6.09 -12.55 -7.81
C GLY A 11 7.56 -12.34 -7.52
N GLU A 12 7.88 -11.11 -7.14
CA GLU A 12 9.24 -10.76 -6.76
C GLU A 12 9.17 -9.82 -5.57
N LEU A 13 10.15 -9.93 -4.68
CA LEU A 13 10.22 -9.07 -3.51
C LEU A 13 10.18 -7.60 -3.90
N LEU A 14 9.44 -6.80 -3.14
CA LEU A 14 9.47 -5.37 -3.36
C LEU A 14 10.90 -4.84 -3.21
N SER A 15 11.63 -5.36 -2.21
CA SER A 15 12.98 -4.87 -1.93
C SER A 15 13.91 -5.11 -3.13
N GLU A 16 13.61 -6.13 -3.95
CA GLU A 16 14.45 -6.43 -5.11
C GLU A 16 14.13 -5.58 -6.32
N GLN A 17 12.88 -5.18 -6.50
CA GLN A 17 12.50 -4.52 -7.75
C GLN A 17 12.33 -3.02 -7.63
N VAL A 18 12.08 -2.50 -6.43
CA VAL A 18 11.76 -1.07 -6.28
C VAL A 18 13.03 -0.24 -6.46
N LYS A 19 12.97 0.74 -7.37
CA LYS A 19 14.04 1.68 -7.61
C LYS A 19 13.66 3.12 -7.31
N ASN A 20 12.39 3.43 -7.16
CA ASN A 20 12.01 4.80 -6.88
C ASN A 20 12.39 5.14 -5.45
N PRO A 21 13.22 6.18 -5.22
CA PRO A 21 13.63 6.51 -3.85
C PRO A 21 12.49 6.90 -2.94
N ASN A 22 11.33 7.28 -3.47
CA ASN A 22 10.22 7.71 -2.65
C ASN A 22 9.22 6.60 -2.38
N ILE A 23 9.61 5.35 -2.65
CA ILE A 23 8.90 4.16 -2.18
C ILE A 23 9.77 3.49 -1.13
N ARG A 24 9.20 3.24 0.05
CA ARG A 24 9.88 2.53 1.13
C ARG A 24 9.12 1.25 1.40
N VAL A 25 9.82 0.11 1.48
CA VAL A 25 9.13 -1.17 1.58
C VAL A 25 9.74 -2.02 2.67
N GLY A 26 8.90 -2.86 3.28
CA GLY A 26 9.36 -3.74 4.34
C GLY A 26 9.79 -5.10 3.82
N ARG A 27 10.37 -5.89 4.73
CA ARG A 27 10.94 -7.16 4.33
C ARG A 27 9.85 -8.15 3.91
N TYR A 28 10.18 -8.95 2.88
CA TYR A 28 9.41 -10.08 2.37
C TYR A 28 8.16 -9.68 1.59
N SER A 29 7.74 -8.42 1.70
CA SER A 29 6.62 -7.95 0.88
C SER A 29 6.96 -8.15 -0.59
N TYR A 30 5.95 -8.51 -1.38
CA TYR A 30 6.19 -8.80 -2.80
C TYR A 30 5.05 -8.27 -3.66
N TYR A 31 5.35 -8.17 -4.95
CA TYR A 31 4.38 -7.80 -5.98
C TYR A 31 4.40 -8.90 -7.03
N SER A 32 3.22 -9.42 -7.37
CA SER A 32 3.07 -10.44 -8.40
C SER A 32 2.35 -9.81 -9.57
N GLY A 33 3.12 -9.38 -10.58
CA GLY A 33 2.57 -8.50 -11.60
C GLY A 33 2.50 -9.06 -13.01
N TYR A 34 2.50 -10.39 -13.18
CA TYR A 34 2.60 -10.93 -14.53
C TYR A 34 1.51 -10.39 -15.47
N TYR A 35 0.27 -10.25 -14.98
CA TYR A 35 -0.82 -9.91 -15.88
C TYR A 35 -0.81 -8.45 -16.31
N HIS A 36 0.07 -7.62 -15.74
CA HIS A 36 0.20 -6.23 -16.16
C HIS A 36 1.60 -5.84 -16.59
N GLY A 37 2.55 -6.76 -16.56
CA GLY A 37 3.86 -6.58 -17.21
C GLY A 37 4.95 -5.82 -16.50
N HIS A 38 4.60 -4.69 -15.89
CA HIS A 38 5.60 -3.81 -15.30
C HIS A 38 5.99 -4.27 -13.89
N SER A 39 7.19 -3.85 -13.48
CA SER A 39 7.58 -4.03 -12.10
C SER A 39 6.83 -3.06 -11.20
N PHE A 40 7.11 -3.13 -9.89
CA PHE A 40 6.29 -2.40 -8.92
C PHE A 40 6.39 -0.89 -9.03
N ASP A 41 7.53 -0.33 -9.48
CA ASP A 41 7.64 1.13 -9.48
C ASP A 41 6.48 1.79 -10.23
N GLU A 42 6.06 1.21 -11.36
N GLU A 42 6.06 1.21 -11.35
CA GLU A 42 4.98 1.77 -12.16
CA GLU A 42 4.98 1.80 -12.14
C GLU A 42 3.62 1.63 -11.47
C GLU A 42 3.61 1.61 -11.49
N CYS A 43 3.53 0.81 -10.43
CA CYS A 43 2.30 0.74 -9.63
C CYS A 43 2.07 2.05 -8.88
N ALA A 44 3.15 2.74 -8.53
CA ALA A 44 3.09 4.01 -7.81
C ALA A 44 2.98 5.11 -8.86
N ARG A 45 1.74 5.42 -9.22
CA ARG A 45 1.53 6.33 -10.34
C ARG A 45 1.81 7.78 -9.97
N TYR A 46 2.52 8.48 -10.85
CA TYR A 46 2.83 9.91 -10.69
C TYR A 46 3.73 10.21 -9.52
N LEU A 47 4.60 9.28 -9.12
CA LEU A 47 5.46 9.49 -7.97
C LEU A 47 6.80 10.02 -8.44
N LEU A 48 7.05 11.32 -8.22
CA LEU A 48 8.33 11.90 -8.60
C LEU A 48 9.44 11.22 -7.81
N PRO A 49 10.53 10.82 -8.46
CA PRO A 49 11.63 10.12 -7.76
C PRO A 49 12.77 11.01 -7.29
N ASP A 50 12.71 12.32 -7.54
CA ASP A 50 13.89 13.18 -7.52
C ASP A 50 13.88 14.22 -6.41
N ARG A 51 12.92 14.16 -5.48
CA ARG A 51 12.83 15.23 -4.49
C ARG A 51 12.17 14.72 -3.23
N GLU A 52 12.41 15.46 -2.13
CA GLU A 52 11.87 15.10 -0.82
C GLU A 52 10.46 15.64 -0.60
N ASP A 53 10.09 16.72 -1.28
CA ASP A 53 8.86 17.44 -0.91
C ASP A 53 7.66 16.95 -1.71
N VAL A 54 7.47 15.63 -1.71
CA VAL A 54 6.29 15.02 -2.30
C VAL A 54 5.77 13.96 -1.35
N ASP A 55 4.51 13.57 -1.55
CA ASP A 55 3.95 12.44 -0.83
C ASP A 55 4.68 11.16 -1.19
N LYS A 56 5.01 10.36 -0.19
CA LYS A 56 5.75 9.12 -0.38
C LYS A 56 4.81 7.93 -0.23
N LEU A 57 5.24 6.79 -0.78
CA LEU A 57 4.51 5.53 -0.65
C LEU A 57 5.30 4.65 0.30
N ILE A 58 4.66 4.22 1.39
CA ILE A 58 5.31 3.43 2.43
C ILE A 58 4.53 2.13 2.56
N ILE A 59 5.23 1.01 2.47
CA ILE A 59 4.61 -0.31 2.54
C ILE A 59 5.32 -1.11 3.61
N GLY A 60 4.55 -1.75 4.48
CA GLY A 60 5.12 -2.55 5.56
C GLY A 60 5.73 -3.87 5.10
N SER A 61 5.91 -4.77 6.06
CA SER A 61 6.49 -6.09 5.83
C SER A 61 5.40 -7.17 5.70
N PHE A 62 5.76 -8.26 5.03
CA PHE A 62 4.86 -9.41 4.86
C PHE A 62 3.56 -9.00 4.18
N CYS A 63 3.65 -8.09 3.21
CA CYS A 63 2.51 -7.72 2.39
C CYS A 63 2.52 -8.50 1.07
N SER A 64 1.32 -8.78 0.55
CA SER A 64 1.13 -9.47 -0.72
C SER A 64 0.36 -8.54 -1.64
N ILE A 65 0.91 -8.24 -2.82
CA ILE A 65 0.27 -7.27 -3.72
C ILE A 65 0.03 -7.91 -5.09
N GLY A 66 -1.25 -7.95 -5.51
CA GLY A 66 -1.61 -8.62 -6.74
C GLY A 66 -1.46 -7.74 -7.97
N SER A 67 -1.57 -8.41 -9.12
CA SER A 67 -1.17 -7.81 -10.39
C SER A 67 -1.98 -6.55 -10.71
N GLY A 68 -1.27 -5.49 -11.07
CA GLY A 68 -1.94 -4.30 -11.54
C GLY A 68 -2.58 -3.45 -10.47
N ALA A 69 -2.40 -3.81 -9.20
CA ALA A 69 -2.72 -2.87 -8.13
C ALA A 69 -2.00 -1.55 -8.38
N SER A 70 -2.61 -0.45 -7.97
CA SER A 70 -2.00 0.86 -8.18
C SER A 70 -2.22 1.74 -6.96
N PHE A 71 -1.29 2.67 -6.79
CA PHE A 71 -1.24 3.60 -5.67
C PHE A 71 -1.08 4.96 -6.31
N ILE A 72 -2.14 5.75 -6.27
CA ILE A 72 -2.16 7.01 -6.99
C ILE A 72 -1.46 8.07 -6.14
N MET A 73 -0.34 8.60 -6.64
CA MET A 73 0.42 9.59 -5.91
C MET A 73 0.20 10.96 -6.55
N ALA A 74 1.04 11.92 -6.16
CA ALA A 74 1.01 13.30 -6.66
C ALA A 74 -0.25 14.06 -6.27
N GLY A 75 -0.91 13.68 -5.18
CA GLY A 75 -1.96 14.55 -4.63
C GLY A 75 -3.10 14.80 -5.59
N ASN A 76 -3.33 16.07 -5.94
CA ASN A 76 -4.40 16.40 -6.90
C ASN A 76 -3.87 16.56 -8.32
N GLN A 77 -2.59 16.26 -8.56
CA GLN A 77 -1.97 16.33 -9.89
C GLN A 77 -2.11 17.69 -10.56
N GLY A 78 -2.25 18.75 -9.76
CA GLY A 78 -2.35 20.10 -10.29
C GLY A 78 -3.75 20.53 -10.65
N HIS A 79 -4.78 19.81 -10.20
CA HIS A 79 -6.18 20.12 -10.48
C HIS A 79 -6.90 20.48 -9.19
N GLN A 80 -7.51 21.67 -9.16
CA GLN A 80 -8.27 22.12 -8.00
C GLN A 80 -9.72 22.32 -8.42
N HIS A 81 -10.60 21.37 -8.05
CA HIS A 81 -12.00 21.46 -8.47
C HIS A 81 -12.76 22.58 -7.76
N ASP A 82 -12.21 23.12 -6.66
CA ASP A 82 -12.78 24.30 -6.02
C ASP A 82 -12.49 25.59 -6.77
N TRP A 83 -11.54 25.56 -7.71
CA TRP A 83 -11.30 26.72 -8.57
C TRP A 83 -12.26 26.70 -9.75
N ALA A 84 -12.38 27.86 -10.41
CA ALA A 84 -13.35 28.01 -11.49
C ALA A 84 -13.19 26.92 -12.53
N SER A 85 -11.95 26.55 -12.85
CA SER A 85 -11.65 25.48 -13.80
C SER A 85 -10.81 24.40 -13.11
N SER A 86 -11.06 23.15 -13.47
CA SER A 86 -10.18 22.07 -13.05
C SER A 86 -8.99 21.87 -13.98
N PHE A 87 -8.88 22.69 -15.03
CA PHE A 87 -7.83 22.52 -16.03
C PHE A 87 -6.50 23.04 -15.52
N PRO A 88 -5.42 22.29 -15.68
CA PRO A 88 -4.12 22.65 -15.05
C PRO A 88 -3.31 23.65 -15.87
N PHE A 89 -3.83 24.89 -15.98
CA PHE A 89 -3.18 25.92 -16.78
C PHE A 89 -1.70 26.06 -16.45
N PHE A 90 -1.37 25.99 -15.15
CA PHE A 90 0.01 26.18 -14.72
C PHE A 90 0.97 25.19 -15.37
N TYR A 91 0.46 24.01 -15.73
CA TYR A 91 1.26 22.94 -16.29
C TYR A 91 1.29 22.94 -17.81
N MET A 92 0.60 23.87 -18.46
CA MET A 92 0.66 23.98 -19.91
C MET A 92 1.34 25.28 -20.33
N GLN A 93 2.59 25.47 -19.92
CA GLN A 93 3.25 26.75 -20.19
C GLN A 93 3.73 26.86 -21.63
N GLU A 94 3.59 25.80 -22.44
CA GLU A 94 3.75 25.93 -23.89
C GLU A 94 2.85 27.03 -24.44
N GLU A 95 1.71 27.26 -23.79
CA GLU A 95 0.76 28.28 -24.19
C GLU A 95 1.06 29.58 -23.45
N PRO A 96 1.59 30.62 -24.12
CA PRO A 96 1.92 31.86 -23.41
C PRO A 96 0.71 32.53 -22.77
N ALA A 97 -0.49 32.29 -23.28
CA ALA A 97 -1.70 32.87 -22.69
C ALA A 97 -1.93 32.38 -21.26
N PHE A 98 -1.27 31.31 -20.85
CA PHE A 98 -1.47 30.76 -19.51
C PHE A 98 -0.40 31.22 -18.52
N SER A 99 0.41 32.22 -18.89
CA SER A 99 1.59 32.57 -18.10
C SER A 99 1.23 33.09 -16.72
N ARG A 100 0.06 33.67 -16.53
CA ARG A 100 -0.33 34.17 -15.21
C ARG A 100 -1.01 33.10 -14.35
N ALA A 101 -0.96 31.83 -14.74
CA ALA A 101 -1.65 30.81 -13.98
C ALA A 101 -0.98 30.57 -12.64
N LEU A 102 -1.79 30.18 -11.66
CA LEU A 102 -1.30 29.74 -10.37
C LEU A 102 -1.27 28.21 -10.31
N ASP A 103 -0.28 27.68 -9.59
CA ASP A 103 -0.13 26.25 -9.38
C ASP A 103 -1.21 25.72 -8.44
N ALA A 104 -2.08 24.84 -8.94
CA ALA A 104 -3.14 24.26 -8.13
C ALA A 104 -2.68 23.08 -7.28
N PHE A 105 -1.42 22.65 -7.42
CA PHE A 105 -0.98 21.41 -6.80
C PHE A 105 -1.14 21.46 -5.28
N GLN A 106 -1.66 20.37 -4.72
CA GLN A 106 -1.80 20.21 -3.27
C GLN A 106 -1.42 18.78 -2.91
N ARG A 107 -0.54 18.63 -1.93
CA ARG A 107 -0.19 17.31 -1.40
C ARG A 107 -1.37 16.70 -0.64
N ALA A 108 -1.38 15.38 -0.59
CA ALA A 108 -2.42 14.63 0.11
C ALA A 108 -1.93 13.95 1.36
N GLY A 109 -0.63 13.99 1.63
CA GLY A 109 -0.03 13.17 2.67
C GLY A 109 0.43 11.84 2.11
N ASP A 110 1.30 11.17 2.87
CA ASP A 110 1.85 9.90 2.38
C ASP A 110 0.75 8.85 2.23
N THR A 111 0.98 7.91 1.32
CA THR A 111 0.18 6.69 1.27
C THR A 111 0.91 5.65 2.11
N VAL A 112 0.24 5.12 3.13
CA VAL A 112 0.89 4.27 4.12
C VAL A 112 0.14 2.95 4.19
N ILE A 113 0.82 1.87 3.81
CA ILE A 113 0.28 0.51 3.84
C ILE A 113 0.98 -0.20 4.99
N GLY A 114 0.19 -0.76 5.91
CA GLY A 114 0.75 -1.44 7.07
C GLY A 114 1.43 -2.76 6.77
N ASN A 115 1.63 -3.55 7.81
CA ASN A 115 2.22 -4.88 7.71
C ASN A 115 1.14 -5.93 7.57
N ASP A 116 1.51 -7.08 6.96
CA ASP A 116 0.55 -8.17 6.78
C ASP A 116 -0.71 -7.71 6.04
N VAL A 117 -0.54 -6.89 5.01
CA VAL A 117 -1.67 -6.39 4.22
C VAL A 117 -1.69 -7.15 2.90
N TRP A 118 -2.86 -7.67 2.53
CA TRP A 118 -3.10 -8.36 1.27
C TRP A 118 -3.84 -7.39 0.36
N ILE A 119 -3.26 -7.06 -0.78
CA ILE A 119 -3.87 -6.14 -1.74
C ILE A 119 -4.21 -6.91 -3.00
N GLY A 120 -5.49 -6.96 -3.34
CA GLY A 120 -5.94 -7.71 -4.48
C GLY A 120 -5.61 -7.05 -5.81
N SER A 121 -5.60 -7.88 -6.85
CA SER A 121 -5.24 -7.43 -8.18
C SER A 121 -6.16 -6.29 -8.62
N GLU A 122 -5.56 -5.25 -9.21
CA GLU A 122 -6.28 -4.11 -9.79
C GLU A 122 -7.03 -3.29 -8.72
N ALA A 123 -6.77 -3.49 -7.43
CA ALA A 123 -7.19 -2.47 -6.46
C ALA A 123 -6.49 -1.15 -6.77
N MET A 124 -7.17 -0.03 -6.53
CA MET A 124 -6.56 1.27 -6.79
C MET A 124 -6.71 2.12 -5.54
N ILE A 125 -5.59 2.52 -4.96
CA ILE A 125 -5.56 3.27 -3.70
C ILE A 125 -5.42 4.74 -4.03
N MET A 126 -6.36 5.55 -3.55
CA MET A 126 -6.31 6.99 -3.81
C MET A 126 -5.21 7.69 -3.02
N PRO A 127 -4.93 8.96 -3.34
CA PRO A 127 -3.84 9.67 -2.64
C PRO A 127 -4.13 9.84 -1.15
N GLY A 128 -3.07 9.74 -0.36
CA GLY A 128 -3.13 10.07 1.05
C GLY A 128 -3.70 9.00 1.95
N ILE A 129 -4.03 7.83 1.41
CA ILE A 129 -4.75 6.80 2.16
C ILE A 129 -3.81 6.05 3.11
N LYS A 130 -4.31 5.79 4.31
CA LYS A 130 -3.62 4.94 5.28
C LYS A 130 -4.37 3.61 5.38
N ILE A 131 -3.63 2.50 5.27
CA ILE A 131 -4.24 1.18 5.39
C ILE A 131 -3.61 0.47 6.59
N GLY A 132 -4.43 0.11 7.57
CA GLY A 132 -3.92 -0.47 8.78
C GLY A 132 -3.36 -1.87 8.60
N ASP A 133 -2.55 -2.26 9.59
CA ASP A 133 -1.97 -3.61 9.60
C ASP A 133 -3.04 -4.66 9.46
N GLY A 134 -2.71 -5.74 8.75
CA GLY A 134 -3.62 -6.88 8.67
C GLY A 134 -4.80 -6.73 7.74
N ALA A 135 -4.97 -5.58 7.08
CA ALA A 135 -6.13 -5.41 6.22
C ALA A 135 -6.09 -6.33 5.01
N VAL A 136 -7.25 -6.57 4.43
CA VAL A 136 -7.40 -7.28 3.16
C VAL A 136 -8.15 -6.36 2.21
N ILE A 137 -7.52 -5.99 1.11
CA ILE A 137 -8.11 -5.10 0.12
C ILE A 137 -8.56 -5.95 -1.05
N GLY A 138 -9.88 -6.10 -1.23
CA GLY A 138 -10.36 -6.96 -2.29
C GLY A 138 -9.92 -6.50 -3.66
N SER A 139 -9.81 -7.47 -4.57
CA SER A 139 -9.55 -7.16 -5.98
C SER A 139 -10.49 -6.08 -6.46
N ARG A 140 -9.96 -5.16 -7.27
CA ARG A 140 -10.71 -4.08 -7.93
C ARG A 140 -11.27 -3.07 -6.94
N SER A 141 -10.89 -3.11 -5.65
CA SER A 141 -11.36 -2.06 -4.72
C SER A 141 -10.88 -0.69 -5.18
N LEU A 142 -11.74 0.31 -5.05
CA LEU A 142 -11.31 1.70 -5.21
C LEU A 142 -11.29 2.28 -3.80
N VAL A 143 -10.10 2.47 -3.25
CA VAL A 143 -9.96 2.77 -1.82
C VAL A 143 -9.91 4.28 -1.66
N THR A 144 -11.01 4.85 -1.15
CA THR A 144 -11.19 6.29 -1.04
C THR A 144 -11.06 6.81 0.38
N LYS A 145 -10.98 5.92 1.38
CA LYS A 145 -10.93 6.29 2.79
C LYS A 145 -9.94 5.38 3.49
N ASP A 146 -9.42 5.86 4.63
CA ASP A 146 -8.48 5.07 5.41
C ASP A 146 -9.14 3.77 5.84
N VAL A 147 -8.31 2.74 5.99
CA VAL A 147 -8.76 1.37 6.26
C VAL A 147 -8.26 0.95 7.64
N GLU A 148 -9.19 0.46 8.47
CA GLU A 148 -8.84 0.08 9.84
C GLU A 148 -8.01 -1.20 9.85
N PRO A 149 -7.18 -1.40 10.87
CA PRO A 149 -6.43 -2.67 10.97
C PRO A 149 -7.36 -3.87 10.91
N TYR A 150 -6.95 -4.89 10.15
CA TYR A 150 -7.62 -6.18 10.02
C TYR A 150 -9.00 -6.06 9.36
N ALA A 151 -9.31 -4.92 8.74
CA ALA A 151 -10.54 -4.81 7.97
C ALA A 151 -10.42 -5.54 6.64
N ILE A 152 -11.49 -6.21 6.24
CA ILE A 152 -11.65 -6.78 4.91
C ILE A 152 -12.60 -5.83 4.19
N ILE A 153 -12.12 -5.27 3.07
CA ILE A 153 -12.89 -4.29 2.30
C ILE A 153 -12.97 -4.71 0.84
N GLY A 154 -13.99 -4.17 0.18
CA GLY A 154 -14.15 -4.38 -1.25
C GLY A 154 -15.14 -3.39 -1.82
N GLY A 155 -15.06 -3.22 -3.13
CA GLY A 155 -16.04 -2.45 -3.87
C GLY A 155 -15.46 -1.15 -4.42
N ASN A 156 -16.28 -0.51 -5.26
CA ASN A 156 -15.95 0.80 -5.82
C ASN A 156 -17.17 1.70 -5.66
N PRO A 157 -17.18 2.60 -4.67
CA PRO A 157 -16.14 2.85 -3.67
C PRO A 157 -16.03 1.72 -2.67
N ALA A 158 -14.83 1.52 -2.12
CA ALA A 158 -14.62 0.39 -1.22
C ALA A 158 -15.35 0.61 0.09
N LYS A 159 -15.91 -0.48 0.62
CA LYS A 159 -16.58 -0.46 1.91
C LYS A 159 -16.08 -1.62 2.74
N GLN A 160 -16.13 -1.46 4.07
CA GLN A 160 -15.69 -2.52 4.95
C GLN A 160 -16.76 -3.61 4.97
N ILE A 161 -16.35 -4.84 4.64
CA ILE A 161 -17.24 -6.00 4.69
C ILE A 161 -17.28 -6.61 6.07
N LYS A 162 -16.11 -6.80 6.67
CA LYS A 162 -16.04 -7.44 7.99
C LYS A 162 -14.62 -7.25 8.46
N LYS A 163 -14.31 -7.76 9.65
CA LYS A 163 -12.94 -7.80 10.11
C LYS A 163 -12.47 -9.25 10.15
N ARG A 164 -11.15 -9.44 10.07
CA ARG A 164 -10.59 -10.79 10.00
C ARG A 164 -10.75 -11.55 11.31
N PHE A 165 -10.73 -10.84 12.43
CA PHE A 165 -10.74 -11.47 13.75
C PHE A 165 -11.64 -10.68 14.69
N SER A 166 -11.90 -11.26 15.85
CA SER A 166 -12.57 -10.54 16.91
C SER A 166 -11.73 -9.34 17.36
N ASP A 167 -12.41 -8.36 17.97
CA ASP A 167 -11.68 -7.23 18.54
C ASP A 167 -10.61 -7.68 19.53
N GLU A 168 -10.90 -8.71 20.34
CA GLU A 168 -9.92 -9.18 21.31
C GLU A 168 -8.68 -9.74 20.62
N GLU A 169 -8.90 -10.53 19.56
CA GLU A 169 -7.78 -11.09 18.80
C GLU A 169 -6.98 -10.00 18.09
N ILE A 170 -7.68 -9.01 17.53
CA ILE A 170 -7.00 -7.88 16.90
C ILE A 170 -6.14 -7.15 17.92
N SER A 171 -6.66 -6.96 19.15
CA SER A 171 -5.85 -6.33 20.19
C SER A 171 -4.58 -7.12 20.46
N LEU A 172 -4.68 -8.45 20.51
CA LEU A 172 -3.48 -9.26 20.74
C LEU A 172 -2.47 -9.07 19.62
N LEU A 173 -2.94 -9.07 18.38
CA LEU A 173 -2.05 -8.92 17.22
C LEU A 173 -1.40 -7.55 17.21
N MET A 174 -2.18 -6.49 17.47
CA MET A 174 -1.60 -5.16 17.48
C MET A 174 -0.60 -5.00 18.61
N GLU A 175 -0.79 -5.73 19.72
CA GLU A 175 0.19 -5.63 20.80
C GLU A 175 1.49 -6.34 20.46
N MET A 176 1.41 -7.55 19.86
CA MET A 176 2.62 -8.36 19.72
C MET A 176 3.48 -7.97 18.53
N GLU A 177 2.90 -7.37 17.49
CA GLU A 177 3.62 -6.91 16.30
C GLU A 177 4.58 -7.98 15.76
N TRP A 178 4.02 -9.14 15.39
CA TRP A 178 4.88 -10.26 14.98
C TRP A 178 5.71 -9.91 13.76
N TRP A 179 5.22 -8.98 12.92
CA TRP A 179 5.92 -8.60 11.70
C TRP A 179 7.25 -7.92 11.98
N ASN A 180 7.52 -7.51 13.23
CA ASN A 180 8.80 -6.93 13.61
C ASN A 180 9.67 -7.88 14.44
N TRP A 181 9.27 -9.14 14.60
CA TRP A 181 10.06 -10.07 15.39
C TRP A 181 11.36 -10.43 14.67
N PRO A 182 12.41 -10.77 15.42
CA PRO A 182 13.59 -11.35 14.78
C PRO A 182 13.20 -12.57 13.97
N LEU A 183 13.92 -12.79 12.87
CA LEU A 183 13.59 -13.89 11.98
C LEU A 183 13.57 -15.23 12.70
N ASP A 184 14.46 -15.46 13.68
CA ASP A 184 14.48 -16.75 14.37
C ASP A 184 13.20 -17.00 15.17
N LYS A 185 12.55 -15.93 15.65
CA LYS A 185 11.26 -16.08 16.32
C LYS A 185 10.15 -16.36 15.32
N ILE A 186 10.18 -15.69 14.16
CA ILE A 186 9.19 -15.98 13.12
C ILE A 186 9.33 -17.44 12.67
N LYS A 187 10.57 -17.90 12.53
CA LYS A 187 10.81 -19.29 12.15
C LYS A 187 10.19 -20.24 13.17
N THR A 188 10.45 -19.98 14.46
CA THR A 188 9.89 -20.83 15.51
C THR A 188 8.37 -20.77 15.53
N ALA A 189 7.80 -19.58 15.32
CA ALA A 189 6.36 -19.38 15.38
C ALA A 189 5.62 -19.81 14.11
N MET A 190 6.33 -20.30 13.09
CA MET A 190 5.69 -20.56 11.80
C MET A 190 4.46 -21.45 11.91
N PRO A 191 4.44 -22.54 12.69
CA PRO A 191 3.20 -23.32 12.82
C PRO A 191 2.02 -22.53 13.37
N LEU A 192 2.25 -21.64 14.33
CA LEU A 192 1.20 -20.78 14.87
C LEU A 192 0.81 -19.68 13.89
N LEU A 193 1.80 -19.09 13.19
CA LEU A 193 1.47 -18.09 12.19
C LEU A 193 0.61 -18.67 11.08
N CYS A 194 0.84 -19.93 10.72
CA CYS A 194 0.03 -20.65 9.74
C CYS A 194 -1.15 -21.37 10.40
N SER A 195 -1.91 -20.63 11.19
CA SER A 195 -3.00 -21.19 11.97
C SER A 195 -3.92 -20.05 12.41
N SER A 196 -5.13 -20.41 12.86
CA SER A 196 -6.06 -19.45 13.44
C SER A 196 -5.84 -19.26 14.94
N ASN A 197 -4.76 -19.79 15.49
CA ASN A 197 -4.53 -19.79 16.93
C ASN A 197 -3.82 -18.49 17.35
N ILE A 198 -4.56 -17.38 17.30
CA ILE A 198 -4.02 -16.10 17.71
C ILE A 198 -3.61 -16.12 19.18
N PHE A 199 -4.46 -16.72 20.04
CA PHE A 199 -4.11 -16.78 21.46
C PHE A 199 -2.81 -17.53 21.68
N GLY A 200 -2.59 -18.62 20.95
CA GLY A 200 -1.34 -19.36 21.07
C GLY A 200 -0.15 -18.56 20.57
N LEU A 201 -0.31 -17.85 19.45
CA LEU A 201 0.76 -16.99 18.97
C LEU A 201 1.13 -15.93 20.00
N HIS A 202 0.13 -15.31 20.62
CA HIS A 202 0.36 -14.33 21.69
C HIS A 202 1.06 -14.97 22.88
N LYS A 203 0.70 -16.21 23.21
CA LYS A 203 1.35 -16.91 24.31
C LYS A 203 2.83 -17.15 24.03
N TYR A 204 3.15 -17.51 22.78
CA TYR A 204 4.55 -17.63 22.41
C TYR A 204 5.27 -16.29 22.53
N TRP A 205 4.61 -15.22 22.08
CA TRP A 205 5.23 -13.89 22.20
C TRP A 205 5.56 -13.59 23.65
N ARG A 206 4.62 -13.85 24.55
CA ARG A 206 4.87 -13.59 25.97
C ARG A 206 5.99 -14.47 26.51
N GLU A 207 6.14 -15.67 25.96
CA GLU A 207 7.20 -16.56 26.42
C GLU A 207 8.58 -16.05 26.03
N PHE A 208 8.74 -15.55 24.79
CA PHE A 208 10.09 -15.23 24.36
C PHE A 208 10.47 -13.77 24.61
N ALA A 209 9.50 -12.87 24.71
CA ALA A 209 9.78 -11.44 24.80
C ALA A 209 10.17 -11.08 26.23
N VAL A 210 11.34 -11.60 26.63
CA VAL A 210 11.93 -11.38 27.95
C VAL A 210 11.07 -12.03 29.03
#